data_2NT4
#
_entry.id   2NT4
#
_cell.length_a   34.883
_cell.length_b   37.119
_cell.length_c   42.104
_cell.angle_alpha   90.00
_cell.angle_beta   102.49
_cell.angle_gamma   90.00
#
_symmetry.space_group_name_H-M   'P 1 21 1'
#
loop_
_entity.id
_entity.type
_entity.pdbx_description
1 polymer 'Response regulator homolog'
2 non-polymer 'CHLORIDE ION'
3 water water
#
_entity_poly.entity_id   1
_entity_poly.type   'polypeptide(L)'
_entity_poly.pdbx_seq_one_letter_code
;GSHMSKKILIVESDTALSATLRSALEGRGFTVDETTDGKGSVEQIRRDRPDLVVLAVDLSAGQNGYLICGKLKKDDDLKN
VPIVIIGNPDGFAQFRKLKAHADEYVAKPVDADQLVERAGALIGFPE
;
_entity_poly.pdbx_strand_id   A
#
# COMPACT_ATOMS: atom_id res chain seq x y z
N SER A 2 -16.56 6.83 17.24
CA SER A 2 -15.23 6.55 17.86
C SER A 2 -14.07 6.73 16.89
N HIS A 3 -14.27 7.52 15.84
CA HIS A 3 -13.31 7.65 14.75
C HIS A 3 -12.00 8.33 15.14
N MET A 4 -10.89 7.78 14.65
CA MET A 4 -9.58 8.41 14.77
C MET A 4 -8.89 8.34 13.42
N SER A 5 -8.11 9.36 13.10
CA SER A 5 -7.45 9.43 11.80
C SER A 5 -6.38 8.34 11.57
N LYS A 6 -6.53 7.61 10.47
CA LYS A 6 -5.52 6.67 9.98
C LYS A 6 -5.46 6.87 8.48
N LYS A 7 -4.28 7.22 7.99
CA LYS A 7 -4.08 7.66 6.60
C LYS A 7 -3.41 6.59 5.78
N ILE A 8 -3.97 6.34 4.58
CA ILE A 8 -3.41 5.37 3.64
C ILE A 8 -3.14 6.06 2.32
N LEU A 9 -1.99 5.76 1.72
CA LEU A 9 -1.69 6.16 0.33
C LEU A 9 -1.67 4.93 -0.53
N ILE A 10 -2.39 4.97 -1.64
CA ILE A 10 -2.37 3.91 -2.66
C ILE A 10 -1.53 4.40 -3.84
N VAL A 11 -0.49 3.64 -4.17
CA VAL A 11 0.40 3.91 -5.31
C VAL A 11 0.06 2.85 -6.37
N GLU A 12 -0.67 3.27 -7.39
CA GLU A 12 -1.28 2.33 -8.32
C GLU A 12 -1.58 3.04 -9.62
N SER A 13 -1.18 2.52 -10.75
N SER A 13 -1.10 2.43 -10.72
CA SER A 13 -1.63 3.18 -11.96
CA SER A 13 -1.38 2.83 -12.11
C SER A 13 -2.83 2.48 -12.60
C SER A 13 -2.81 2.49 -12.54
N ASP A 14 -3.34 1.42 -11.97
CA ASP A 14 -4.67 0.91 -12.30
C ASP A 14 -5.66 1.75 -11.48
N THR A 15 -6.16 2.81 -12.10
CA THR A 15 -6.96 3.80 -11.35
C THR A 15 -8.37 3.31 -11.10
N ALA A 16 -8.87 2.35 -11.90
CA ALA A 16 -10.14 1.73 -11.56
C ALA A 16 -9.99 0.95 -10.25
N LEU A 17 -8.94 0.14 -10.14
CA LEU A 17 -8.71 -0.58 -8.90
C LEU A 17 -8.46 0.37 -7.74
N SER A 18 -7.65 1.41 -7.95
N SER A 18 -7.65 1.40 -7.99
CA SER A 18 -7.38 2.30 -6.80
CA SER A 18 -7.34 2.34 -6.93
C SER A 18 -8.66 2.98 -6.32
C SER A 18 -8.64 2.94 -6.36
N ALA A 19 -9.57 3.30 -7.23
CA ALA A 19 -10.84 3.89 -6.81
C ALA A 19 -11.66 2.90 -5.98
N THR A 20 -11.69 1.64 -6.42
CA THR A 20 -12.41 0.61 -5.69
C THR A 20 -11.84 0.45 -4.28
N LEU A 21 -10.52 0.36 -4.19
CA LEU A 21 -9.87 0.16 -2.90
C LEU A 21 -10.06 1.38 -2.03
N ARG A 22 -9.92 2.57 -2.62
CA ARG A 22 -10.09 3.80 -1.87
C ARG A 22 -11.46 3.87 -1.23
N SER A 23 -12.51 3.56 -2.00
CA SER A 23 -13.87 3.58 -1.46
C SER A 23 -14.03 2.57 -0.35
N ALA A 24 -13.54 1.37 -0.54
CA ALA A 24 -13.67 0.32 0.47
C ALA A 24 -12.96 0.70 1.77
N LEU A 25 -11.77 1.26 1.67
CA LEU A 25 -11.02 1.68 2.86
C LEU A 25 -11.71 2.87 3.54
N GLU A 26 -12.18 3.83 2.76
CA GLU A 26 -12.92 4.96 3.33
C GLU A 26 -14.17 4.50 4.06
N GLY A 27 -14.78 3.40 3.58
CA GLY A 27 -15.97 2.85 4.24
C GLY A 27 -15.74 2.39 5.66
N ARG A 28 -14.48 2.10 6.01
N ARG A 28 -14.48 2.06 6.00
CA ARG A 28 -14.13 1.71 7.36
CA ARG A 28 -14.10 1.70 7.37
C ARG A 28 -13.52 2.86 8.15
C ARG A 28 -13.63 2.90 8.18
N GLY A 29 -13.54 4.07 7.56
CA GLY A 29 -13.09 5.27 8.24
C GLY A 29 -11.69 5.71 7.93
N PHE A 30 -10.95 5.02 7.06
CA PHE A 30 -9.61 5.48 6.72
C PHE A 30 -9.68 6.76 5.88
N THR A 31 -8.65 7.57 6.03
CA THR A 31 -8.41 8.71 5.14
C THR A 31 -7.47 8.22 4.06
N VAL A 32 -7.85 8.33 2.80
CA VAL A 32 -7.15 7.67 1.72
C VAL A 32 -6.81 8.64 0.62
N ASP A 33 -5.57 8.57 0.14
CA ASP A 33 -5.15 9.29 -1.05
C ASP A 33 -4.62 8.26 -2.04
N GLU A 34 -4.48 8.67 -3.29
CA GLU A 34 -3.95 7.79 -4.31
C GLU A 34 -3.06 8.58 -5.26
N THR A 35 -2.13 7.87 -5.89
CA THR A 35 -1.25 8.47 -6.90
C THR A 35 -0.91 7.42 -7.95
N THR A 36 -0.80 7.87 -9.19
CA THR A 36 -0.22 7.07 -10.26
C THR A 36 1.30 7.34 -10.41
N ASP A 37 1.83 8.30 -9.65
CA ASP A 37 3.20 8.75 -9.86
C ASP A 37 4.17 7.86 -9.07
N GLY A 38 4.48 6.69 -9.62
CA GLY A 38 5.44 5.77 -8.99
C GLY A 38 6.78 6.43 -8.81
N LYS A 39 7.23 7.19 -9.81
CA LYS A 39 8.55 7.83 -9.71
C LYS A 39 8.63 8.77 -8.52
N GLY A 40 7.58 9.50 -8.25
CA GLY A 40 7.55 10.43 -7.13
C GLY A 40 7.15 9.81 -5.81
N SER A 41 6.79 8.54 -5.77
CA SER A 41 6.07 7.98 -4.62
C SER A 41 6.89 7.98 -3.34
N VAL A 42 8.17 7.66 -3.39
CA VAL A 42 8.99 7.67 -2.17
C VAL A 42 8.96 9.06 -1.55
N GLU A 43 9.14 10.09 -2.38
CA GLU A 43 9.16 11.45 -1.85
C GLU A 43 7.78 11.91 -1.43
N GLN A 44 6.73 11.42 -2.08
CA GLN A 44 5.37 11.75 -1.63
C GLN A 44 5.12 11.14 -0.25
N ILE A 45 5.54 9.91 -0.03
CA ILE A 45 5.42 9.27 1.29
C ILE A 45 6.20 10.08 2.32
N ARG A 46 7.38 10.56 1.96
CA ARG A 46 8.15 11.39 2.88
C ARG A 46 7.40 12.66 3.26
N ARG A 47 6.78 13.31 2.28
CA ARG A 47 5.99 14.54 2.49
C ARG A 47 4.73 14.28 3.28
N ASP A 48 3.95 13.31 2.86
CA ASP A 48 2.58 13.17 3.34
C ASP A 48 2.47 12.27 4.57
N ARG A 49 3.47 11.44 4.82
CA ARG A 49 3.52 10.61 6.02
C ARG A 49 2.23 9.81 6.24
N PRO A 50 1.88 8.97 5.27
CA PRO A 50 0.75 8.05 5.50
C PRO A 50 1.13 7.04 6.59
N ASP A 51 0.10 6.52 7.26
CA ASP A 51 0.27 5.44 8.24
C ASP A 51 0.46 4.07 7.58
N LEU A 52 0.10 3.93 6.29
CA LEU A 52 0.24 2.68 5.56
C LEU A 52 0.20 3.01 4.08
N VAL A 53 0.96 2.24 3.30
CA VAL A 53 0.98 2.38 1.85
C VAL A 53 0.55 1.07 1.21
N VAL A 54 -0.33 1.17 0.22
CA VAL A 54 -0.70 0.05 -0.67
C VAL A 54 0.03 0.33 -1.97
N LEU A 55 0.86 -0.61 -2.41
CA LEU A 55 1.83 -0.38 -3.49
C LEU A 55 1.73 -1.49 -4.53
N ALA A 56 1.40 -1.12 -5.77
CA ALA A 56 1.34 -2.11 -6.85
C ALA A 56 2.74 -2.47 -7.36
N VAL A 57 2.86 -3.70 -7.83
CA VAL A 57 4.10 -4.15 -8.46
C VAL A 57 4.32 -3.51 -9.83
N ASP A 58 3.33 -3.64 -10.70
N ASP A 58 3.35 -3.70 -10.69
CA ASP A 58 3.54 -3.29 -12.10
CA ASP A 58 3.49 -3.25 -12.07
C ASP A 58 2.92 -1.91 -12.42
C ASP A 58 2.90 -1.86 -12.09
N LEU A 59 3.74 -0.87 -12.31
CA LEU A 59 3.33 0.49 -12.44
C LEU A 59 3.67 1.01 -13.83
N SER A 60 3.00 2.07 -14.21
CA SER A 60 3.19 2.74 -15.48
C SER A 60 4.60 3.33 -15.58
N ALA A 61 5.00 3.62 -16.82
CA ALA A 61 6.27 4.31 -17.12
C ALA A 61 7.52 3.56 -16.62
N GLY A 62 7.42 2.23 -16.58
CA GLY A 62 8.54 1.40 -16.20
C GLY A 62 8.84 1.39 -14.70
N GLN A 63 7.99 1.98 -13.89
CA GLN A 63 8.15 1.93 -12.43
C GLN A 63 7.76 0.56 -11.89
N ASN A 64 8.33 0.21 -10.74
CA ASN A 64 8.17 -1.15 -10.25
C ASN A 64 8.08 -1.10 -8.73
N GLY A 65 7.01 -1.69 -8.21
CA GLY A 65 6.77 -1.62 -6.77
C GLY A 65 7.80 -2.34 -5.93
N TYR A 66 8.43 -3.40 -6.45
CA TYR A 66 9.51 -4.03 -5.70
C TYR A 66 10.71 -3.08 -5.54
N LEU A 67 11.04 -2.34 -6.59
CA LEU A 67 12.11 -1.35 -6.49
C LEU A 67 11.73 -0.24 -5.53
N ILE A 68 10.49 0.24 -5.60
CA ILE A 68 10.05 1.34 -4.73
C ILE A 68 10.07 0.86 -3.28
N CYS A 69 9.53 -0.32 -3.02
CA CYS A 69 9.51 -0.82 -1.63
C CYS A 69 10.94 -1.02 -1.13
N GLY A 70 11.85 -1.50 -1.99
CA GLY A 70 13.24 -1.61 -1.63
C GLY A 70 13.81 -0.28 -1.17
N LYS A 71 13.52 0.79 -1.91
CA LYS A 71 13.99 2.11 -1.51
C LYS A 71 13.40 2.53 -0.17
N LEU A 72 12.09 2.34 0.02
CA LEU A 72 11.47 2.71 1.28
C LEU A 72 12.11 2.01 2.46
N LYS A 73 12.39 0.72 2.30
CA LYS A 73 12.89 -0.10 3.41
C LYS A 73 14.36 0.11 3.68
N LYS A 74 15.09 0.76 2.77
CA LYS A 74 16.48 1.16 3.01
C LYS A 74 16.59 2.59 3.52
N ASP A 75 15.49 3.34 3.55
CA ASP A 75 15.50 4.72 3.99
C ASP A 75 15.23 4.72 5.48
N ASP A 76 16.20 5.19 6.25
CA ASP A 76 16.09 5.10 7.70
C ASP A 76 14.87 5.82 8.27
N ASP A 77 14.39 6.84 7.59
N ASP A 77 14.41 6.85 7.60
CA ASP A 77 13.24 7.59 8.08
CA ASP A 77 13.23 7.59 8.05
C ASP A 77 11.89 7.13 7.50
C ASP A 77 11.92 6.88 7.67
N LEU A 78 11.88 6.25 6.49
CA LEU A 78 10.63 5.72 5.92
C LEU A 78 10.43 4.23 6.11
N LYS A 79 11.45 3.53 6.59
N LYS A 79 11.45 3.52 6.58
CA LYS A 79 11.39 2.07 6.61
CA LYS A 79 11.40 2.06 6.64
C LYS A 79 10.40 1.52 7.63
C LYS A 79 10.33 1.53 7.59
N ASN A 80 9.87 2.35 8.53
CA ASN A 80 8.86 1.88 9.47
C ASN A 80 7.43 2.07 8.99
N VAL A 81 7.22 2.66 7.82
CA VAL A 81 5.86 2.77 7.27
C VAL A 81 5.44 1.38 6.74
N PRO A 82 4.34 0.83 7.24
CA PRO A 82 3.90 -0.48 6.73
C PRO A 82 3.51 -0.40 5.26
N ILE A 83 3.96 -1.39 4.48
N ILE A 83 3.94 -1.40 4.52
CA ILE A 83 3.72 -1.49 3.04
CA ILE A 83 3.65 -1.51 3.11
C ILE A 83 3.01 -2.80 2.71
C ILE A 83 2.92 -2.81 2.83
N VAL A 84 1.86 -2.70 2.04
CA VAL A 84 1.17 -3.85 1.50
C VAL A 84 1.38 -3.81 -0.01
N ILE A 85 2.07 -4.82 -0.53
N ILE A 85 2.11 -4.81 -0.52
CA ILE A 85 2.24 -4.92 -1.97
CA ILE A 85 2.30 -5.01 -1.96
C ILE A 85 1.10 -5.72 -2.57
C ILE A 85 1.06 -5.69 -2.53
N ILE A 86 0.59 -5.20 -3.68
CA ILE A 86 -0.47 -5.87 -4.45
C ILE A 86 0.05 -6.11 -5.86
N GLY A 87 -0.22 -7.28 -6.41
CA GLY A 87 0.25 -7.57 -7.75
C GLY A 87 0.16 -9.03 -8.06
N ASN A 88 0.63 -9.34 -9.25
CA ASN A 88 0.87 -10.73 -9.63
C ASN A 88 1.61 -11.42 -8.49
N PRO A 89 1.10 -12.53 -7.92
CA PRO A 89 1.73 -13.12 -6.73
C PRO A 89 2.98 -13.91 -6.97
N ASP A 90 3.36 -14.12 -8.22
CA ASP A 90 4.47 -15.02 -8.48
C ASP A 90 5.78 -14.62 -7.81
N GLY A 91 6.02 -13.32 -7.64
CA GLY A 91 7.27 -12.86 -7.04
C GLY A 91 7.28 -12.66 -5.53
N PHE A 92 6.14 -12.89 -4.86
CA PHE A 92 6.05 -12.54 -3.43
C PHE A 92 7.04 -13.31 -2.58
N ALA A 93 7.18 -14.62 -2.80
CA ALA A 93 8.09 -15.39 -1.94
C ALA A 93 9.52 -14.93 -2.11
N GLN A 94 9.94 -14.65 -3.33
CA GLN A 94 11.29 -14.12 -3.53
C GLN A 94 11.45 -12.81 -2.79
N PHE A 95 10.45 -11.94 -2.85
CA PHE A 95 10.58 -10.64 -2.20
C PHE A 95 10.73 -10.81 -0.69
N ARG A 96 9.98 -11.72 -0.11
CA ARG A 96 10.12 -11.98 1.32
C ARG A 96 11.52 -12.40 1.70
N LYS A 97 12.24 -13.09 0.82
CA LYS A 97 13.59 -13.55 1.11
C LYS A 97 14.63 -12.46 1.05
N LEU A 98 14.35 -11.37 0.34
CA LEU A 98 15.24 -10.21 0.36
C LEU A 98 15.16 -9.54 1.73
N LYS A 99 16.17 -8.75 2.08
CA LYS A 99 16.11 -8.00 3.34
C LYS A 99 15.14 -6.86 3.30
N ALA A 100 15.10 -6.13 2.19
CA ALA A 100 14.26 -4.96 2.03
C ALA A 100 13.02 -5.43 1.31
N HIS A 101 11.91 -5.49 2.05
CA HIS A 101 10.70 -6.14 1.56
C HIS A 101 9.46 -5.56 2.19
N ALA A 102 8.29 -6.01 1.75
CA ALA A 102 7.04 -5.46 2.23
C ALA A 102 6.62 -6.08 3.56
N ASP A 103 5.56 -5.54 4.12
CA ASP A 103 5.01 -6.06 5.36
C ASP A 103 3.88 -7.06 5.15
N GLU A 104 3.22 -6.98 3.99
N GLU A 104 3.09 -6.93 4.08
CA GLU A 104 2.10 -7.84 3.68
CA GLU A 104 2.08 -7.91 3.69
C GLU A 104 1.93 -7.83 2.16
C GLU A 104 1.92 -7.84 2.19
N TYR A 105 1.19 -8.82 1.65
CA TYR A 105 1.03 -9.03 0.23
C TYR A 105 -0.40 -9.44 -0.04
N VAL A 106 -0.97 -8.92 -1.12
CA VAL A 106 -2.29 -9.37 -1.58
C VAL A 106 -2.20 -9.61 -3.09
N ALA A 107 -2.51 -10.83 -3.49
CA ALA A 107 -2.48 -11.17 -4.91
C ALA A 107 -3.52 -10.40 -5.71
N LYS A 108 -3.14 -9.94 -6.90
CA LYS A 108 -4.13 -9.58 -7.92
C LYS A 108 -4.61 -10.87 -8.60
N PRO A 109 -5.89 -10.95 -8.96
CA PRO A 109 -6.94 -9.93 -8.73
C PRO A 109 -7.25 -9.75 -7.25
N VAL A 110 -7.19 -8.51 -6.78
CA VAL A 110 -7.44 -8.16 -5.39
C VAL A 110 -8.92 -8.08 -5.15
N ASP A 111 -9.35 -8.71 -4.06
N ASP A 111 -9.41 -8.75 -4.10
CA ASP A 111 -10.70 -8.51 -3.50
CA ASP A 111 -10.78 -8.49 -3.57
C ASP A 111 -10.60 -7.37 -2.50
C ASP A 111 -10.63 -7.39 -2.54
N ALA A 112 -11.41 -6.33 -2.68
CA ALA A 112 -11.29 -5.18 -1.82
C ALA A 112 -11.40 -5.55 -0.33
N ASP A 113 -12.16 -6.62 0.03
N ASP A 113 -12.41 -6.37 -0.02
CA ASP A 113 -12.24 -7.07 1.46
CA ASP A 113 -12.61 -6.73 1.34
C ASP A 113 -10.94 -7.59 2.08
C ASP A 113 -11.35 -7.31 1.95
N GLN A 114 -10.19 -8.38 1.31
N GLN A 114 -10.57 -8.04 1.17
CA GLN A 114 -8.91 -8.87 1.79
CA GLN A 114 -9.35 -8.68 1.68
C GLN A 114 -7.94 -7.70 1.92
C GLN A 114 -8.23 -7.64 1.95
N LEU A 115 -8.03 -6.73 1.01
CA LEU A 115 -7.11 -5.62 1.14
C LEU A 115 -7.47 -4.79 2.40
N VAL A 116 -8.76 -4.52 2.62
CA VAL A 116 -9.20 -3.79 3.80
C VAL A 116 -8.80 -4.56 5.07
N GLU A 117 -9.00 -5.88 5.06
CA GLU A 117 -8.62 -6.72 6.18
C GLU A 117 -7.15 -6.57 6.48
N ARG A 118 -6.30 -6.65 5.46
CA ARG A 118 -4.88 -6.57 5.68
C ARG A 118 -4.45 -5.20 6.24
N ALA A 119 -5.06 -4.13 5.72
CA ALA A 119 -4.76 -2.81 6.24
C ALA A 119 -5.13 -2.70 7.71
N GLY A 120 -6.34 -3.13 8.05
CA GLY A 120 -6.77 -3.09 9.45
C GLY A 120 -5.91 -3.90 10.38
N ALA A 121 -5.39 -5.04 9.90
CA ALA A 121 -4.52 -5.88 10.72
C ALA A 121 -3.13 -5.27 10.93
N LEU A 122 -2.70 -4.36 10.06
CA LEU A 122 -1.40 -3.71 10.22
C LEU A 122 -1.43 -2.49 11.08
N ILE A 123 -2.48 -1.69 10.99
CA ILE A 123 -2.52 -0.42 11.70
C ILE A 123 -3.77 -0.24 12.57
N GLY A 124 -4.65 -1.23 12.61
CA GLY A 124 -5.93 -1.11 13.28
C GLY A 124 -6.94 -0.40 12.41
N PHE A 125 -8.21 -0.61 12.67
N PHE A 125 -8.22 -0.55 12.75
CA PHE A 125 -9.17 0.23 12.03
CA PHE A 125 -9.37 0.19 12.14
C PHE A 125 -9.20 1.54 12.75
C PHE A 125 -9.84 1.38 13.02
N PRO A 126 -9.74 2.54 12.06
N PRO A 126 -10.00 2.59 12.43
CA PRO A 126 -9.88 3.85 12.61
CA PRO A 126 -10.14 3.80 13.24
C PRO A 126 -11.12 4.11 13.48
C PRO A 126 -11.50 4.04 13.90
N GLU A 127 -12.14 3.25 13.44
N GLU A 127 -12.52 3.30 13.49
CA GLU A 127 -13.39 3.51 14.17
CA GLU A 127 -13.85 3.52 14.04
C GLU A 127 -14.18 2.23 14.42
C GLU A 127 -14.59 2.22 14.18
#